data_6G5P
#
_entry.id   6G5P
#
_cell.length_a   127.855
_cell.length_b   45.429
_cell.length_c   83.715
_cell.angle_alpha   90.00
_cell.angle_beta   101.77
_cell.angle_gamma   90.00
#
_symmetry.space_group_name_H-M   'C 1 2 1'
#
loop_
_entity.id
_entity.type
_entity.pdbx_description
1 polymer 'Nuclear autoantigen Sp-100'
2 non-polymer 'ZINC ION'
3 non-polymer '2-(N-MORPHOLINO)-ETHANESULFONIC ACID'
4 non-polymer 1,2-ETHANEDIOL
5 non-polymer (2~{R},3~{R})-2,3-dimethoxy-2,3-dimethyl-1,4-benzodioxin-6-amine
6 non-polymer 'CHLORIDE ION'
7 water water
#
_entity_poly.entity_id   1
_entity_poly.type   'polypeptide(L)'
_entity_poly.pdbx_seq_one_letter_code
;ENSNICEVCNKWGRLFCCDTCPRSFHEHCHIPSVEANKNPWSCIFCRIKTIQERCPESQSGHQESEVLMRQMLPEEQLKC
EFLLLKVYCDSKSCFFASEPYYNREGSQGPQKPMWLNKVKTSLNEQMYTRVEGFVQDMRLIFHNHKEFYREDKFTRLGIQ
VQDIFEKNFRNIFAIQETSK
;
_entity_poly.pdbx_strand_id   A,B
#
# COMPACT_ATOMS: atom_id res chain seq x y z
N ASN A 2 24.27 -10.98 -11.16
CA ASN A 2 23.11 -10.95 -10.26
C ASN A 2 22.41 -9.58 -10.25
N SER A 3 21.15 -9.59 -9.84
CA SER A 3 20.40 -8.37 -9.73
C SER A 3 21.06 -7.46 -8.69
N ASN A 4 20.95 -6.16 -8.91
CA ASN A 4 21.43 -5.18 -7.94
C ASN A 4 20.39 -4.67 -6.95
N ILE A 5 19.25 -5.35 -6.86
CA ILE A 5 18.26 -5.03 -5.81
C ILE A 5 17.70 -6.33 -5.22
N CYS A 6 17.20 -6.26 -3.98
CA CYS A 6 16.55 -7.41 -3.33
C CYS A 6 15.28 -7.84 -4.06
N GLU A 7 15.19 -9.16 -4.33
CA GLU A 7 14.06 -9.68 -5.05
C GLU A 7 12.72 -9.41 -4.33
N VAL A 8 12.76 -9.42 -3.00
CA VAL A 8 11.55 -9.32 -2.19
C VAL A 8 11.10 -7.87 -2.02
N CYS A 9 12.00 -7.01 -1.51
CA CYS A 9 11.62 -5.64 -1.19
C CYS A 9 12.02 -4.60 -2.23
N ASN A 10 12.80 -4.99 -3.25
CA ASN A 10 13.17 -4.10 -4.36
C ASN A 10 14.05 -2.92 -3.97
N LYS A 11 14.79 -3.08 -2.88
CA LYS A 11 15.78 -2.07 -2.46
C LYS A 11 17.20 -2.62 -2.56
N TRP A 12 18.15 -1.72 -2.69
CA TRP A 12 19.57 -2.06 -2.65
C TRP A 12 19.95 -2.24 -1.18
N GLY A 13 21.20 -2.59 -0.92
CA GLY A 13 21.71 -2.71 0.43
C GLY A 13 22.72 -3.83 0.45
N ARG A 14 22.93 -4.44 1.62
CA ARG A 14 23.76 -5.62 1.74
C ARG A 14 22.99 -6.82 1.19
N LEU A 15 23.46 -7.33 0.05
CA LEU A 15 22.73 -8.33 -0.72
C LEU A 15 23.55 -9.61 -0.82
N PHE A 16 22.82 -10.72 -0.82
CA PHE A 16 23.40 -12.04 -0.98
C PHE A 16 22.90 -12.59 -2.29
N CYS A 17 23.82 -13.06 -3.12
CA CYS A 17 23.52 -13.41 -4.50
C CYS A 17 23.39 -14.91 -4.66
N CYS A 18 22.33 -15.32 -5.34
CA CYS A 18 22.13 -16.72 -5.65
C CYS A 18 23.23 -17.17 -6.59
N ASP A 19 23.67 -18.41 -6.43
CA ASP A 19 24.68 -18.91 -7.34
C ASP A 19 24.08 -19.61 -8.58
N THR A 20 22.80 -19.92 -8.53
CA THR A 20 22.21 -20.67 -9.61
C THR A 20 21.15 -19.89 -10.36
N CYS A 21 20.87 -18.67 -9.91
CA CYS A 21 20.01 -17.77 -10.70
C CYS A 21 20.46 -16.36 -10.39
N PRO A 22 19.94 -15.37 -11.13
CA PRO A 22 20.45 -14.01 -10.94
C PRO A 22 19.83 -13.23 -9.76
N ARG A 23 18.91 -13.84 -9.01
CA ARG A 23 18.28 -13.10 -7.90
C ARG A 23 19.24 -12.76 -6.75
N SER A 24 18.94 -11.69 -6.02
CA SER A 24 19.69 -11.29 -4.83
C SER A 24 18.71 -10.97 -3.70
N PHE A 25 19.19 -11.03 -2.45
CA PHE A 25 18.31 -10.92 -1.28
C PHE A 25 18.99 -10.24 -0.11
N HIS A 26 18.27 -9.38 0.61
CA HIS A 26 18.71 -9.06 1.96
C HIS A 26 18.64 -10.33 2.80
N GLU A 27 19.54 -10.41 3.77
CA GLU A 27 19.66 -11.56 4.63
C GLU A 27 18.31 -12.04 5.18
N HIS A 28 17.51 -11.10 5.70
CA HIS A 28 16.24 -11.45 6.35
C HIS A 28 15.00 -11.27 5.48
N CYS A 29 15.21 -10.86 4.23
CA CYS A 29 14.12 -10.89 3.27
C CYS A 29 13.99 -12.30 2.68
N HIS A 30 15.10 -13.01 2.43
CA HIS A 30 15.01 -14.42 2.06
C HIS A 30 14.38 -15.21 3.20
N ILE A 31 13.64 -16.27 2.84
CA ILE A 31 13.08 -17.19 3.81
C ILE A 31 13.43 -18.58 3.31
N PRO A 32 14.05 -19.41 4.16
CA PRO A 32 14.68 -19.06 5.45
C PRO A 32 15.74 -17.94 5.34
N SER A 33 16.12 -17.24 6.42
CA SER A 33 17.19 -16.22 6.33
C SER A 33 18.44 -16.79 5.67
N VAL A 34 19.16 -15.96 4.90
CA VAL A 34 20.30 -16.49 4.14
C VAL A 34 21.33 -17.20 5.03
N GLU A 35 21.65 -18.45 4.69
CA GLU A 35 22.51 -19.32 5.50
C GLU A 35 23.92 -18.75 5.62
N ALA A 36 24.51 -18.87 6.82
CA ALA A 36 25.80 -18.28 7.15
C ALA A 36 26.85 -18.59 6.09
N ASN A 37 27.31 -19.83 6.06
CA ASN A 37 28.34 -20.23 5.13
C ASN A 37 27.80 -21.29 4.17
N LYS A 38 27.88 -21.03 2.87
CA LYS A 38 27.43 -22.00 1.88
C LYS A 38 27.83 -21.62 0.46
N ASN A 39 28.78 -22.35 -0.11
CA ASN A 39 29.10 -22.19 -1.53
C ASN A 39 29.16 -23.56 -2.20
N PRO A 40 28.29 -23.78 -3.20
CA PRO A 40 27.38 -22.73 -3.67
C PRO A 40 26.12 -22.58 -2.80
N TRP A 41 25.50 -21.41 -2.85
CA TRP A 41 24.21 -21.20 -2.20
C TRP A 41 23.16 -21.04 -3.28
N SER A 42 22.04 -21.77 -3.16
CA SER A 42 20.89 -21.58 -4.04
C SER A 42 19.73 -21.02 -3.25
N CYS A 43 19.09 -19.99 -3.84
CA CYS A 43 17.91 -19.36 -3.27
C CYS A 43 16.66 -20.28 -3.30
N ILE A 44 15.63 -19.88 -2.56
CA ILE A 44 14.41 -20.67 -2.47
C ILE A 44 13.72 -20.87 -3.83
N PHE A 45 13.76 -19.86 -4.73
CA PHE A 45 13.21 -20.07 -6.07
C PHE A 45 13.86 -21.28 -6.74
N CYS A 46 15.19 -21.33 -6.67
CA CYS A 46 15.94 -22.41 -7.29
C CYS A 46 15.63 -23.75 -6.62
N ARG A 47 15.50 -23.75 -5.29
CA ARG A 47 15.21 -24.99 -4.55
C ARG A 47 13.83 -25.55 -4.88
N ILE A 48 12.86 -24.65 -5.03
CA ILE A 48 11.52 -25.08 -5.44
C ILE A 48 11.52 -25.62 -6.87
N LYS A 49 12.25 -24.96 -7.76
CA LYS A 49 12.36 -25.44 -9.14
C LYS A 49 12.98 -26.84 -9.20
N THR A 50 13.98 -27.09 -8.37
CA THR A 50 14.62 -28.41 -8.38
C THR A 50 13.63 -29.51 -7.98
N ILE A 51 12.75 -29.24 -7.02
CA ILE A 51 11.77 -30.23 -6.62
C ILE A 51 10.90 -30.57 -7.82
N GLN A 52 10.47 -29.53 -8.54
CA GLN A 52 9.66 -29.74 -9.73
C GLN A 52 10.41 -30.59 -10.75
N GLU A 53 11.67 -30.27 -11.00
CA GLU A 53 12.47 -30.98 -11.99
C GLU A 53 12.71 -32.45 -11.63
N ARG A 54 12.93 -32.72 -10.35
CA ARG A 54 13.17 -34.08 -9.91
C ARG A 54 11.92 -34.94 -10.03
N CYS A 55 10.76 -34.33 -9.79
CA CYS A 55 9.49 -35.04 -9.82
CA CYS A 55 9.47 -35.04 -9.76
C CYS A 55 8.45 -34.31 -10.62
N PRO A 56 8.50 -34.48 -11.95
CA PRO A 56 7.64 -33.68 -12.83
C PRO A 56 6.17 -33.88 -12.55
N GLU A 57 5.83 -35.08 -12.10
CA GLU A 57 4.42 -35.36 -11.82
C GLU A 57 3.89 -34.58 -10.63
N SER A 58 4.78 -33.95 -9.85
CA SER A 58 4.39 -33.09 -8.72
C SER A 58 3.59 -31.89 -9.21
N GLN A 59 3.61 -31.63 -10.52
CA GLN A 59 2.86 -30.50 -11.08
C GLN A 59 1.46 -30.89 -11.54
N SER A 60 1.15 -32.16 -11.48
CA SER A 60 -0.23 -32.58 -11.78
C SER A 60 -1.19 -32.01 -10.72
N GLY A 61 -2.46 -31.83 -11.08
CA GLY A 61 -3.39 -31.19 -10.16
C GLY A 61 -3.64 -31.98 -8.88
N HIS A 62 -3.80 -31.26 -7.78
CA HIS A 62 -4.12 -31.79 -6.46
C HIS A 62 -5.38 -31.18 -5.89
N GLN A 63 -5.99 -31.89 -4.95
CA GLN A 63 -7.10 -31.35 -4.19
C GLN A 63 -6.59 -30.55 -2.99
N GLU A 64 -7.16 -29.36 -2.78
CA GLU A 64 -6.74 -28.56 -1.62
C GLU A 64 -6.85 -29.33 -0.31
N SER A 65 -7.91 -30.12 -0.15
CA SER A 65 -8.09 -30.82 1.12
C SER A 65 -6.94 -31.81 1.39
N GLU A 66 -6.41 -32.45 0.35
CA GLU A 66 -5.28 -33.35 0.48
C GLU A 66 -4.03 -32.56 0.83
N VAL A 67 -3.82 -31.43 0.13
CA VAL A 67 -2.62 -30.61 0.41
C VAL A 67 -2.61 -30.17 1.89
N LEU A 68 -3.75 -29.68 2.38
CA LEU A 68 -3.77 -29.13 3.74
C LEU A 68 -3.45 -30.20 4.79
N MET A 69 -3.81 -31.45 4.52
CA MET A 69 -3.55 -32.51 5.50
C MET A 69 -2.12 -33.03 5.51
N ARG A 70 -1.30 -32.59 4.55
CA ARG A 70 0.06 -33.08 4.53
C ARG A 70 0.85 -32.65 5.77
N GLN A 71 1.62 -33.59 6.31
CA GLN A 71 2.56 -33.24 7.36
C GLN A 71 3.68 -32.32 6.85
N MET A 72 4.23 -31.52 7.74
CA MET A 72 5.23 -30.54 7.37
C MET A 72 6.63 -31.19 7.28
N LEU A 73 6.76 -32.18 6.38
CA LEU A 73 8.09 -32.71 6.03
C LEU A 73 8.92 -31.59 5.35
N PRO A 74 10.21 -31.84 5.13
CA PRO A 74 11.05 -30.76 4.59
C PRO A 74 10.55 -30.12 3.28
N GLU A 75 10.03 -30.89 2.33
CA GLU A 75 9.53 -30.32 1.08
CA GLU A 75 9.58 -30.25 1.09
C GLU A 75 8.34 -29.40 1.31
N GLU A 76 7.41 -29.83 2.18
CA GLU A 76 6.26 -28.98 2.46
CA GLU A 76 6.25 -29.00 2.52
C GLU A 76 6.65 -27.73 3.26
N GLN A 77 7.59 -27.88 4.19
CA GLN A 77 8.13 -26.74 4.93
C GLN A 77 8.67 -25.70 3.95
N LEU A 78 9.47 -26.16 2.98
CA LEU A 78 10.06 -25.26 2.00
C LEU A 78 8.98 -24.57 1.15
N LYS A 79 7.98 -25.33 0.71
CA LYS A 79 6.88 -24.75 -0.07
CA LYS A 79 6.88 -24.74 -0.07
C LYS A 79 6.10 -23.67 0.69
N CYS A 80 5.87 -23.89 1.99
CA CYS A 80 5.22 -22.86 2.81
C CYS A 80 6.14 -21.64 2.98
N GLU A 81 7.44 -21.85 3.21
CA GLU A 81 8.41 -20.72 3.26
C GLU A 81 8.37 -19.92 1.97
N PHE A 82 8.28 -20.59 0.84
CA PHE A 82 8.28 -19.91 -0.47
C PHE A 82 6.97 -19.13 -0.64
N LEU A 83 5.86 -19.74 -0.26
CA LEU A 83 4.54 -19.09 -0.36
C LEU A 83 4.54 -17.81 0.52
N LEU A 84 5.05 -17.93 1.74
CA LEU A 84 5.16 -16.75 2.62
C LEU A 84 6.01 -15.67 1.93
N LEU A 85 7.18 -16.07 1.41
CA LEU A 85 8.06 -15.13 0.71
C LEU A 85 7.34 -14.43 -0.45
N LYS A 86 6.51 -15.16 -1.20
N LYS A 86 6.49 -15.15 -1.21
CA LYS A 86 5.79 -14.55 -2.32
CA LYS A 86 5.81 -14.51 -2.35
C LYS A 86 4.81 -13.47 -1.86
C LYS A 86 4.82 -13.45 -1.85
N VAL A 87 4.23 -13.63 -0.68
CA VAL A 87 3.39 -12.58 -0.11
C VAL A 87 4.22 -11.35 0.28
N TYR A 88 5.37 -11.56 0.95
CA TYR A 88 6.23 -10.43 1.30
C TYR A 88 6.78 -9.71 0.04
N CYS A 89 6.80 -10.38 -1.11
CA CYS A 89 7.26 -9.75 -2.36
C CYS A 89 6.29 -8.65 -2.85
N ASP A 90 5.04 -8.68 -2.37
CA ASP A 90 4.09 -7.62 -2.72
C ASP A 90 4.25 -6.44 -1.75
N SER A 91 4.41 -5.23 -2.27
CA SER A 91 4.66 -4.10 -1.37
C SER A 91 3.46 -3.88 -0.40
N LYS A 92 2.27 -4.36 -0.74
CA LYS A 92 1.11 -4.17 0.16
C LYS A 92 1.20 -5.09 1.38
N SER A 93 2.16 -6.02 1.39
CA SER A 93 2.36 -6.85 2.59
C SER A 93 2.82 -6.03 3.78
N CYS A 94 3.28 -4.77 3.59
CA CYS A 94 3.69 -3.97 4.72
C CYS A 94 2.57 -3.82 5.75
N PHE A 95 1.31 -3.74 5.29
CA PHE A 95 0.20 -3.52 6.20
C PHE A 95 -0.03 -4.71 7.12
N PHE A 96 0.47 -5.88 6.73
CA PHE A 96 0.22 -7.14 7.41
C PHE A 96 1.46 -7.73 8.08
N ALA A 97 2.59 -7.04 8.01
CA ALA A 97 3.85 -7.61 8.44
C ALA A 97 4.03 -7.64 9.96
N SER A 98 3.76 -6.52 10.62
CA SER A 98 4.04 -6.43 12.05
CA SER A 98 4.03 -6.34 12.05
C SER A 98 2.77 -6.47 12.91
N GLU A 99 2.94 -6.52 14.21
CA GLU A 99 1.79 -6.77 15.09
C GLU A 99 0.81 -5.60 15.03
N PRO A 100 -0.45 -5.90 14.73
CA PRO A 100 -1.47 -4.83 14.58
C PRO A 100 -2.07 -4.39 15.92
N TYR A 101 -2.75 -3.24 15.91
CA TYR A 101 -3.55 -2.84 17.07
C TYR A 101 -4.87 -2.28 16.56
N TYR A 102 -5.85 -2.29 17.44
CA TYR A 102 -7.25 -2.16 17.02
C TYR A 102 -7.96 -1.17 17.94
N ASN A 103 -8.12 0.06 17.48
CA ASN A 103 -8.90 1.06 18.22
C ASN A 103 -9.61 1.97 17.22
N ARG A 104 -10.77 1.53 16.78
CA ARG A 104 -11.55 2.24 15.77
CA ARG A 104 -11.55 2.22 15.75
C ARG A 104 -12.99 2.28 16.25
N GLU A 105 -13.60 3.45 16.19
CA GLU A 105 -15.01 3.61 16.58
C GLU A 105 -15.89 2.60 15.81
N GLY A 106 -16.75 1.88 16.53
CA GLY A 106 -17.69 0.97 15.88
C GLY A 106 -17.16 -0.43 15.56
N SER A 107 -15.93 -0.74 15.93
CA SER A 107 -15.37 -2.07 15.66
C SER A 107 -14.66 -2.61 16.89
N GLN A 108 -14.54 -3.93 16.96
CA GLN A 108 -13.78 -4.60 18.02
C GLN A 108 -12.67 -5.40 17.37
N GLY A 109 -11.48 -5.40 17.97
CA GLY A 109 -10.36 -6.16 17.41
C GLY A 109 -10.65 -7.64 17.35
N PRO A 110 -9.93 -8.35 16.48
CA PRO A 110 -10.11 -9.81 16.36
C PRO A 110 -9.76 -10.55 17.65
N GLN A 111 -10.41 -11.69 17.84
CA GLN A 111 -10.10 -12.57 18.96
C GLN A 111 -8.71 -13.14 18.90
N LYS A 112 -8.22 -13.43 17.68
CA LYS A 112 -6.89 -14.03 17.51
C LYS A 112 -6.14 -13.21 16.46
N PRO A 113 -5.44 -12.17 16.89
CA PRO A 113 -4.63 -11.38 15.96
C PRO A 113 -3.54 -12.22 15.28
N MET A 114 -3.19 -11.88 14.04
CA MET A 114 -2.22 -12.65 13.31
C MET A 114 -1.53 -11.68 12.33
N TRP A 115 -0.25 -11.93 12.05
CA TRP A 115 0.49 -11.04 11.17
C TRP A 115 1.67 -11.83 10.55
N LEU A 116 2.23 -11.34 9.46
CA LEU A 116 3.19 -12.15 8.68
C LEU A 116 4.44 -12.48 9.47
N ASN A 117 4.96 -11.52 10.27
CA ASN A 117 6.21 -11.80 11.00
C ASN A 117 5.98 -12.90 12.04
N LYS A 118 4.78 -13.01 12.55
CA LYS A 118 4.45 -14.08 13.50
C LYS A 118 4.40 -15.43 12.79
N VAL A 119 3.84 -15.46 11.58
CA VAL A 119 3.85 -16.69 10.78
C VAL A 119 5.31 -17.06 10.40
N LYS A 120 6.14 -16.05 10.10
CA LYS A 120 7.54 -16.30 9.75
C LYS A 120 8.22 -16.98 10.97
N THR A 121 8.04 -16.42 12.15
CA THR A 121 8.62 -17.01 13.35
C THR A 121 8.10 -18.44 13.58
N SER A 122 6.79 -18.63 13.44
CA SER A 122 6.23 -19.98 13.61
C SER A 122 6.82 -20.99 12.66
N LEU A 123 7.02 -20.61 11.40
CA LEU A 123 7.73 -21.52 10.47
C LEU A 123 9.17 -21.80 10.94
N ASN A 124 9.87 -20.75 11.34
CA ASN A 124 11.30 -20.87 11.73
C ASN A 124 11.44 -21.77 12.94
N GLU A 125 10.45 -21.71 13.84
CA GLU A 125 10.44 -22.52 15.06
C GLU A 125 9.78 -23.89 14.89
N GLN A 126 9.41 -24.24 13.66
CA GLN A 126 8.80 -25.54 13.34
C GLN A 126 7.55 -25.76 14.18
N MET A 127 6.69 -24.74 14.26
CA MET A 127 5.47 -24.84 15.06
CA MET A 127 5.48 -24.82 15.07
C MET A 127 4.30 -25.44 14.33
N TYR A 128 4.38 -25.54 13.01
CA TYR A 128 3.24 -26.13 12.25
C TYR A 128 3.55 -27.60 11.98
N THR A 129 2.63 -28.50 12.31
CA THR A 129 2.87 -29.91 12.00
C THR A 129 2.23 -30.30 10.67
N ARG A 130 1.22 -29.53 10.19
CA ARG A 130 0.66 -29.79 8.87
CA ARG A 130 0.65 -29.79 8.87
C ARG A 130 0.54 -28.50 8.08
N VAL A 131 0.43 -28.61 6.76
CA VAL A 131 0.23 -27.45 5.89
C VAL A 131 -0.96 -26.61 6.36
N GLU A 132 -2.00 -27.32 6.78
CA GLU A 132 -3.22 -26.67 7.25
C GLU A 132 -2.95 -25.58 8.30
N GLY A 133 -2.01 -25.81 9.23
CA GLY A 133 -1.79 -24.82 10.29
C GLY A 133 -1.26 -23.51 9.71
N PHE A 134 -0.35 -23.61 8.74
CA PHE A 134 0.23 -22.44 8.09
C PHE A 134 -0.85 -21.72 7.26
N VAL A 135 -1.59 -22.47 6.45
CA VAL A 135 -2.60 -21.84 5.57
C VAL A 135 -3.71 -21.17 6.42
N GLN A 136 -4.09 -21.80 7.52
CA GLN A 136 -5.11 -21.21 8.40
C GLN A 136 -4.65 -19.90 8.98
N ASP A 137 -3.40 -19.83 9.44
CA ASP A 137 -2.87 -18.56 9.98
C ASP A 137 -2.79 -17.49 8.90
N MET A 138 -2.35 -17.86 7.68
CA MET A 138 -2.28 -16.85 6.60
C MET A 138 -3.70 -16.34 6.26
N ARG A 139 -4.68 -17.24 6.13
CA ARG A 139 -6.01 -16.78 5.78
C ARG A 139 -6.62 -15.91 6.89
N LEU A 140 -6.26 -16.21 8.15
CA LEU A 140 -6.75 -15.48 9.29
C LEU A 140 -6.31 -14.01 9.25
N ILE A 141 -5.09 -13.76 8.78
CA ILE A 141 -4.59 -12.39 8.64
C ILE A 141 -5.60 -11.56 7.84
N PHE A 142 -6.02 -12.10 6.70
CA PHE A 142 -6.91 -11.32 5.82
C PHE A 142 -8.33 -11.30 6.29
N HIS A 143 -8.77 -12.40 6.89
CA HIS A 143 -10.12 -12.44 7.44
C HIS A 143 -10.27 -11.42 8.60
N ASN A 144 -9.30 -11.37 9.49
CA ASN A 144 -9.35 -10.39 10.59
C ASN A 144 -9.45 -8.96 10.06
N HIS A 145 -8.67 -8.65 9.03
CA HIS A 145 -8.64 -7.31 8.42
C HIS A 145 -10.01 -6.92 7.85
N LYS A 146 -10.61 -7.84 7.09
CA LYS A 146 -11.87 -7.56 6.45
CA LYS A 146 -11.88 -7.57 6.46
CA LYS A 146 -11.90 -7.60 6.46
C LYS A 146 -12.98 -7.39 7.51
N GLU A 147 -12.96 -8.19 8.55
CA GLU A 147 -13.99 -8.01 9.57
C GLU A 147 -13.82 -6.69 10.35
N PHE A 148 -12.57 -6.29 10.64
CA PHE A 148 -12.35 -5.11 11.47
C PHE A 148 -12.66 -3.81 10.71
N TYR A 149 -12.26 -3.72 9.45
CA TYR A 149 -12.40 -2.48 8.71
C TYR A 149 -13.76 -2.28 8.09
N ARG A 150 -14.56 -3.34 8.02
CA ARG A 150 -16.00 -3.23 7.69
C ARG A 150 -16.19 -2.57 6.35
N GLU A 151 -16.82 -1.41 6.35
CA GLU A 151 -17.12 -0.73 5.10
C GLU A 151 -16.06 0.30 4.73
N ASP A 152 -15.03 0.46 5.55
CA ASP A 152 -13.96 1.36 5.15
C ASP A 152 -13.31 0.78 3.88
N LYS A 153 -13.01 1.62 2.89
CA LYS A 153 -12.38 1.11 1.69
CA LYS A 153 -12.36 1.14 1.67
C LYS A 153 -11.01 0.45 1.93
N PHE A 154 -10.40 0.70 3.10
CA PHE A 154 -9.14 0.05 3.46
C PHE A 154 -9.31 -1.47 3.51
N THR A 155 -10.55 -1.97 3.67
CA THR A 155 -10.79 -3.41 3.55
CA THR A 155 -10.79 -3.42 3.52
C THR A 155 -10.18 -4.03 2.29
N ARG A 156 -10.17 -3.26 1.20
CA ARG A 156 -9.67 -3.77 -0.08
C ARG A 156 -8.22 -4.25 -0.01
N LEU A 157 -7.39 -3.67 0.86
CA LEU A 157 -5.99 -4.13 0.96
C LEU A 157 -5.95 -5.61 1.36
N GLY A 158 -6.87 -6.04 2.22
CA GLY A 158 -6.90 -7.44 2.60
C GLY A 158 -7.34 -8.36 1.46
N ILE A 159 -8.31 -7.93 0.67
CA ILE A 159 -8.71 -8.66 -0.50
C ILE A 159 -7.53 -8.79 -1.49
N GLN A 160 -6.83 -7.69 -1.70
CA GLN A 160 -5.73 -7.69 -2.66
C GLN A 160 -4.60 -8.62 -2.24
N VAL A 161 -4.18 -8.53 -0.99
CA VAL A 161 -3.05 -9.37 -0.57
C VAL A 161 -3.53 -10.84 -0.44
N GLN A 162 -4.75 -11.07 0.00
CA GLN A 162 -5.25 -12.43 0.01
C GLN A 162 -5.25 -13.04 -1.40
N ASP A 163 -5.57 -12.25 -2.44
CA ASP A 163 -5.57 -12.80 -3.78
CA ASP A 163 -5.58 -12.80 -3.78
C ASP A 163 -4.15 -13.22 -4.20
N ILE A 164 -3.13 -12.43 -3.79
CA ILE A 164 -1.74 -12.82 -4.09
C ILE A 164 -1.42 -14.13 -3.36
N PHE A 165 -1.81 -14.22 -2.09
CA PHE A 165 -1.59 -15.46 -1.34
C PHE A 165 -2.27 -16.66 -2.06
N GLU A 166 -3.56 -16.54 -2.43
CA GLU A 166 -4.30 -17.67 -2.99
C GLU A 166 -3.76 -18.09 -4.37
N LYS A 167 -3.43 -17.11 -5.23
CA LYS A 167 -2.86 -17.47 -6.54
C LYS A 167 -1.54 -18.19 -6.37
N ASN A 168 -0.70 -17.71 -5.44
CA ASN A 168 0.57 -18.39 -5.20
C ASN A 168 0.37 -19.77 -4.58
N PHE A 169 -0.59 -19.91 -3.66
CA PHE A 169 -0.89 -21.22 -3.05
C PHE A 169 -1.26 -22.21 -4.16
N ARG A 170 -2.16 -21.81 -5.07
CA ARG A 170 -2.60 -22.74 -6.11
C ARG A 170 -1.44 -23.13 -7.03
N ASN A 171 -0.55 -22.19 -7.28
N ASN A 171 -0.55 -22.18 -7.31
CA ASN A 171 0.56 -22.47 -8.17
CA ASN A 171 0.57 -22.52 -8.17
C ASN A 171 1.67 -23.31 -7.52
C ASN A 171 1.62 -23.42 -7.46
N ILE A 172 2.05 -22.99 -6.29
CA ILE A 172 3.15 -23.67 -5.60
C ILE A 172 2.76 -25.11 -5.21
N PHE A 173 1.52 -25.26 -4.79
CA PHE A 173 0.99 -26.59 -4.41
C PHE A 173 0.24 -27.32 -5.54
N ALA A 174 0.29 -26.76 -6.76
CA ALA A 174 -0.26 -27.42 -7.93
C ALA A 174 -1.72 -27.85 -7.68
N ILE A 175 -2.55 -26.90 -7.27
CA ILE A 175 -3.96 -27.21 -7.03
C ILE A 175 -4.64 -27.40 -8.40
N GLN A 176 -5.47 -28.42 -8.53
CA GLN A 176 -6.17 -28.69 -9.79
C GLN A 176 -6.98 -27.47 -10.21
N GLU A 177 -6.80 -27.05 -11.45
CA GLU A 177 -7.54 -25.90 -11.97
C GLU A 177 -9.00 -26.24 -12.10
N THR A 178 -9.86 -25.30 -11.70
CA THR A 178 -11.30 -25.48 -11.93
C THR A 178 -11.97 -24.34 -12.66
N GLU B 1 -27.27 28.50 5.27
CA GLU B 1 -26.22 28.02 6.16
C GLU B 1 -25.09 27.33 5.39
N ASN B 2 -25.27 27.13 4.09
CA ASN B 2 -24.16 26.62 3.22
C ASN B 2 -23.86 27.57 2.06
N SER B 3 -22.62 27.52 1.57
CA SER B 3 -22.18 28.31 0.43
C SER B 3 -22.91 27.91 -0.85
N ASN B 4 -23.12 28.86 -1.75
CA ASN B 4 -23.71 28.49 -3.03
C ASN B 4 -22.66 28.36 -4.12
N ILE B 5 -21.39 28.21 -3.76
CA ILE B 5 -20.39 27.81 -4.74
C ILE B 5 -19.51 26.67 -4.17
N CYS B 6 -18.95 25.90 -5.08
CA CYS B 6 -18.03 24.81 -4.70
C CYS B 6 -16.78 25.39 -4.03
N GLU B 7 -16.40 24.81 -2.88
CA GLU B 7 -15.23 25.24 -2.15
C GLU B 7 -13.95 25.12 -2.98
N VAL B 8 -13.90 24.13 -3.87
CA VAL B 8 -12.66 23.82 -4.62
C VAL B 8 -12.53 24.69 -5.87
N CYS B 9 -13.52 24.66 -6.76
CA CYS B 9 -13.42 25.35 -8.05
C CYS B 9 -14.16 26.69 -8.10
N ASN B 10 -14.91 27.01 -7.05
CA ASN B 10 -15.64 28.27 -6.98
C ASN B 10 -16.78 28.49 -7.98
N LYS B 11 -17.24 27.41 -8.59
CA LYS B 11 -18.36 27.47 -9.52
CA LYS B 11 -18.37 27.50 -9.50
C LYS B 11 -19.67 27.00 -8.84
N TRP B 12 -20.78 27.43 -9.40
CA TRP B 12 -22.10 27.12 -8.88
C TRP B 12 -22.61 25.78 -9.44
N GLY B 13 -23.72 25.32 -8.90
CA GLY B 13 -24.46 24.27 -9.58
C GLY B 13 -24.11 22.85 -9.11
N ARG B 14 -25.12 22.00 -9.00
CA ARG B 14 -24.93 20.58 -8.69
C ARG B 14 -24.12 20.36 -7.42
N LEU B 15 -24.47 21.14 -6.39
CA LEU B 15 -23.67 21.17 -5.16
C LEU B 15 -24.19 20.21 -4.07
N PHE B 16 -23.23 19.64 -3.33
CA PHE B 16 -23.46 18.87 -2.09
C PHE B 16 -23.01 19.70 -0.89
N CYS B 17 -23.90 19.87 0.10
CA CYS B 17 -23.60 20.69 1.26
CA CYS B 17 -23.62 20.70 1.28
C CYS B 17 -23.16 19.81 2.40
N CYS B 18 -22.09 20.25 3.06
CA CYS B 18 -21.61 19.57 4.24
C CYS B 18 -22.62 19.78 5.38
N ASP B 19 -22.83 18.74 6.20
CA ASP B 19 -23.83 18.87 7.26
C ASP B 19 -23.24 19.46 8.55
N THR B 20 -21.91 19.60 8.60
CA THR B 20 -21.25 20.08 9.82
C THR B 20 -20.46 21.38 9.69
N CYS B 21 -20.39 21.93 8.47
CA CYS B 21 -19.81 23.25 8.24
C CYS B 21 -20.52 23.89 7.03
N PRO B 22 -20.23 25.19 6.75
CA PRO B 22 -20.95 25.89 5.67
C PRO B 22 -20.46 25.57 4.25
N ARG B 23 -19.50 24.66 4.11
CA ARG B 23 -18.90 24.46 2.79
C ARG B 23 -19.78 23.62 1.87
N SER B 24 -19.62 23.80 0.56
CA SER B 24 -20.36 23.01 -0.45
C SER B 24 -19.39 22.51 -1.52
N PHE B 25 -19.73 21.41 -2.23
CA PHE B 25 -18.77 20.77 -3.15
C PHE B 25 -19.45 20.15 -4.33
N HIS B 26 -18.82 20.22 -5.52
CA HIS B 26 -19.19 19.27 -6.56
C HIS B 26 -18.79 17.86 -6.16
N GLU B 27 -19.51 16.89 -6.67
CA GLU B 27 -19.27 15.46 -6.34
C GLU B 27 -17.80 15.06 -6.47
N HIS B 28 -17.22 15.46 -7.60
CA HIS B 28 -15.83 15.08 -7.92
C HIS B 28 -14.79 16.16 -7.70
N CYS B 29 -15.19 17.28 -7.15
CA CYS B 29 -14.24 18.26 -6.66
C CYS B 29 -13.83 17.86 -5.25
N HIS B 30 -14.78 17.36 -4.45
CA HIS B 30 -14.40 16.84 -3.15
C HIS B 30 -13.50 15.61 -3.36
N ILE B 31 -12.55 15.39 -2.45
CA ILE B 31 -11.70 14.19 -2.45
C ILE B 31 -11.78 13.62 -1.04
N PRO B 32 -12.10 12.33 -0.90
CA PRO B 32 -12.59 11.43 -1.94
C PRO B 32 -13.92 11.96 -2.50
N SER B 33 -14.39 11.42 -3.62
CA SER B 33 -15.67 11.89 -4.13
C SER B 33 -16.79 11.83 -3.11
N VAL B 34 -17.74 12.74 -3.21
CA VAL B 34 -18.84 12.81 -2.24
C VAL B 34 -19.61 11.51 -2.24
N GLU B 35 -19.95 10.99 -1.05
CA GLU B 35 -20.84 9.82 -0.97
C GLU B 35 -22.28 10.30 -1.16
N ALA B 36 -22.81 10.13 -2.37
CA ALA B 36 -24.14 10.68 -2.69
C ALA B 36 -25.25 10.05 -1.83
N ASN B 37 -24.96 8.85 -1.32
CA ASN B 37 -25.92 8.06 -0.57
C ASN B 37 -26.00 8.47 0.91
N LYS B 38 -24.95 9.09 1.42
CA LYS B 38 -24.85 9.39 2.86
C LYS B 38 -25.62 10.64 3.31
N ASN B 39 -26.19 10.54 4.51
CA ASN B 39 -26.90 11.65 5.12
C ASN B 39 -27.17 11.34 6.59
N PRO B 40 -26.54 12.09 7.52
CA PRO B 40 -25.68 13.24 7.23
C PRO B 40 -24.32 12.88 6.62
N TRP B 41 -23.82 13.82 5.83
CA TRP B 41 -22.49 13.69 5.23
C TRP B 41 -21.62 14.83 5.73
N SER B 42 -20.39 14.50 6.11
CA SER B 42 -19.43 15.52 6.52
C SER B 42 -18.24 15.55 5.55
N CYS B 43 -17.78 16.77 5.24
CA CYS B 43 -16.70 16.98 4.30
C CYS B 43 -15.34 16.67 4.91
N ILE B 44 -14.32 16.67 4.06
CA ILE B 44 -12.97 16.34 4.49
C ILE B 44 -12.39 17.40 5.45
N PHE B 45 -12.80 18.68 5.31
CA PHE B 45 -12.28 19.67 6.27
C PHE B 45 -12.77 19.28 7.68
N CYS B 46 -14.06 18.93 7.79
CA CYS B 46 -14.63 18.53 9.07
C CYS B 46 -13.99 17.25 9.61
N ARG B 47 -13.78 16.28 8.73
CA ARG B 47 -13.23 15.00 9.15
C ARG B 47 -11.80 15.16 9.66
N ILE B 48 -11.02 16.00 8.95
CA ILE B 48 -9.67 16.31 9.40
C ILE B 48 -9.65 17.05 10.75
N LYS B 49 -10.56 18.01 10.92
CA LYS B 49 -10.65 18.76 12.17
C LYS B 49 -10.94 17.83 13.34
N THR B 50 -11.84 16.86 13.13
CA THR B 50 -12.18 15.87 14.16
C THR B 50 -10.95 15.11 14.59
N ILE B 51 -10.16 14.65 13.62
CA ILE B 51 -8.90 13.95 13.92
C ILE B 51 -7.95 14.85 14.71
N GLN B 52 -7.78 16.11 14.27
CA GLN B 52 -6.88 17.05 14.96
C GLN B 52 -7.32 17.36 16.40
N GLU B 53 -8.62 17.33 16.64
CA GLU B 53 -9.15 17.69 17.95
C GLU B 53 -9.17 16.52 18.94
N ARG B 54 -8.96 15.31 18.45
CA ARG B 54 -9.08 14.15 19.33
C ARG B 54 -8.11 14.24 20.54
N CYS B 55 -6.84 14.56 20.28
CA CYS B 55 -5.93 14.83 21.39
C CYS B 55 -4.87 15.81 20.87
N PRO B 56 -5.16 17.11 20.95
CA PRO B 56 -4.32 18.14 20.32
C PRO B 56 -2.84 18.03 20.69
N GLU B 57 -1.97 18.22 19.70
CA GLU B 57 -0.52 18.25 19.89
C GLU B 57 0.05 19.54 19.32
N SER B 58 1.37 19.58 19.18
CA SER B 58 2.05 20.69 18.51
C SER B 58 1.66 20.69 17.04
N GLN B 59 1.66 21.88 16.44
CA GLN B 59 1.31 22.01 15.03
C GLN B 59 2.55 21.90 14.15
N SER B 60 3.70 21.60 14.76
CA SER B 60 4.95 21.47 14.01
C SER B 60 6.06 20.73 14.77
N GLY B 61 5.79 19.48 15.16
CA GLY B 61 6.75 18.71 15.92
C GLY B 61 7.28 17.45 15.26
N HIS B 62 6.91 17.20 14.00
CA HIS B 62 7.40 16.01 13.32
C HIS B 62 8.47 16.29 12.28
N GLN B 63 9.23 15.25 11.92
CA GLN B 63 10.27 15.35 10.90
C GLN B 63 9.74 14.80 9.60
N GLU B 64 10.06 15.44 8.47
CA GLU B 64 9.58 14.96 7.18
C GLU B 64 9.96 13.50 6.91
N SER B 65 11.18 13.08 7.28
CA SER B 65 11.63 11.72 6.99
CA SER B 65 11.64 11.71 7.01
C SER B 65 10.72 10.67 7.64
N GLU B 66 10.28 10.97 8.86
CA GLU B 66 9.39 10.06 9.61
C GLU B 66 8.02 10.08 8.94
N VAL B 67 7.53 11.26 8.54
CA VAL B 67 6.20 11.34 7.97
C VAL B 67 6.13 10.55 6.66
N LEU B 68 7.18 10.65 5.85
CA LEU B 68 7.15 9.98 4.54
C LEU B 68 7.09 8.46 4.66
N MET B 69 7.67 7.92 5.74
CA MET B 69 7.68 6.47 5.91
C MET B 69 6.38 5.91 6.50
N ARG B 70 5.45 6.78 6.89
CA ARG B 70 4.19 6.25 7.41
C ARG B 70 3.40 5.45 6.39
N GLN B 71 2.89 4.28 6.78
CA GLN B 71 2.02 3.49 5.90
C GLN B 71 0.68 4.21 5.72
N MET B 72 0.04 3.94 4.58
CA MET B 72 -1.22 4.62 4.21
C MET B 72 -2.43 3.98 4.90
N LEU B 73 -2.39 3.95 6.24
CA LEU B 73 -3.58 3.62 7.03
C LEU B 73 -4.70 4.65 6.77
N PRO B 74 -5.96 4.35 7.20
CA PRO B 74 -7.07 5.26 6.87
C PRO B 74 -6.83 6.74 7.17
N GLU B 75 -6.27 7.10 8.32
CA GLU B 75 -6.10 8.53 8.61
C GLU B 75 -5.02 9.18 7.74
N GLU B 76 -3.97 8.42 7.37
CA GLU B 76 -2.90 8.98 6.52
C GLU B 76 -3.41 9.08 5.07
N GLN B 77 -4.22 8.10 4.63
CA GLN B 77 -4.88 8.19 3.32
C GLN B 77 -5.75 9.46 3.25
N LEU B 78 -6.52 9.74 4.32
CA LEU B 78 -7.40 10.90 4.36
C LEU B 78 -6.56 12.19 4.33
N LYS B 79 -5.45 12.23 5.10
CA LYS B 79 -4.61 13.42 5.08
C LYS B 79 -3.99 13.71 3.71
N CYS B 80 -3.63 12.66 2.97
CA CYS B 80 -3.09 12.88 1.61
C CYS B 80 -4.22 13.34 0.66
N GLU B 81 -5.43 12.79 0.82
CA GLU B 81 -6.57 13.26 0.02
C GLU B 81 -6.85 14.75 0.30
N PHE B 82 -6.73 15.16 1.56
CA PHE B 82 -6.99 16.56 1.92
C PHE B 82 -5.90 17.44 1.32
N LEU B 83 -4.65 16.99 1.40
CA LEU B 83 -3.51 17.74 0.83
C LEU B 83 -3.68 17.92 -0.70
N LEU B 84 -4.09 16.85 -1.38
CA LEU B 84 -4.34 16.95 -2.82
C LEU B 84 -5.47 17.96 -3.07
N LEU B 85 -6.55 17.87 -2.29
CA LEU B 85 -7.67 18.81 -2.43
C LEU B 85 -7.19 20.27 -2.25
N LYS B 86 -6.32 20.54 -1.27
CA LYS B 86 -5.83 21.90 -1.05
CA LYS B 86 -5.84 21.91 -1.06
C LYS B 86 -5.10 22.44 -2.28
N VAL B 87 -4.37 21.59 -3.00
CA VAL B 87 -3.73 21.98 -4.25
C VAL B 87 -4.79 22.32 -5.33
N TYR B 88 -5.78 21.45 -5.51
CA TYR B 88 -6.89 21.73 -6.46
C TYR B 88 -7.63 23.02 -6.13
N CYS B 89 -7.66 23.42 -4.86
CA CYS B 89 -8.37 24.65 -4.50
C CYS B 89 -7.72 25.89 -5.11
N ASP B 90 -6.42 25.83 -5.44
CA ASP B 90 -5.75 26.98 -6.05
C ASP B 90 -6.10 27.05 -7.53
N SER B 91 -6.50 28.23 -8.04
CA SER B 91 -6.88 28.28 -9.44
C SER B 91 -5.72 27.91 -10.40
N LYS B 92 -4.47 28.10 -9.96
CA LYS B 92 -3.32 27.76 -10.82
C LYS B 92 -3.14 26.24 -10.97
N SER B 93 -3.87 25.44 -10.18
CA SER B 93 -3.79 24.00 -10.32
C SER B 93 -4.28 23.56 -11.71
N CYS B 94 -5.05 24.40 -12.41
CA CYS B 94 -5.51 23.99 -13.73
C CYS B 94 -4.38 23.55 -14.69
N PHE B 95 -3.23 24.23 -14.60
CA PHE B 95 -2.10 23.96 -15.48
C PHE B 95 -1.51 22.58 -15.25
N PHE B 96 -1.79 21.99 -14.08
CA PHE B 96 -1.21 20.72 -13.65
C PHE B 96 -2.22 19.59 -13.54
N ALA B 97 -3.47 19.81 -13.93
CA ALA B 97 -4.53 18.82 -13.63
C ALA B 97 -4.55 17.67 -14.63
N SER B 98 -4.43 17.96 -15.93
CA SER B 98 -4.57 16.95 -16.98
C SER B 98 -3.21 16.61 -17.56
N GLU B 99 -3.16 15.58 -18.40
CA GLU B 99 -1.90 15.11 -18.95
C GLU B 99 -1.24 16.21 -19.81
N PRO B 100 0.03 16.54 -19.54
CA PRO B 100 0.59 17.67 -20.29
C PRO B 100 0.98 17.21 -21.65
N TYR B 101 1.00 18.18 -22.58
CA TYR B 101 1.50 17.97 -23.92
C TYR B 101 2.90 18.61 -24.02
N TYR B 102 3.87 17.82 -24.41
CA TYR B 102 5.24 18.33 -24.48
C TYR B 102 5.80 18.42 -25.91
N ASN B 103 6.51 17.37 -26.31
CA ASN B 103 7.10 17.23 -27.64
C ASN B 103 6.30 16.21 -28.45
N ARG B 104 5.52 16.70 -29.41
CA GLN B 108 10.11 12.82 -26.52
C GLN B 108 9.59 13.37 -25.19
N GLY B 109 8.87 12.54 -24.45
CA GLY B 109 8.37 12.94 -23.14
C GLY B 109 9.36 12.69 -22.01
N PRO B 110 9.04 13.19 -20.81
CA PRO B 110 9.92 13.03 -19.64
C PRO B 110 9.98 11.58 -19.18
N GLN B 111 10.93 11.26 -18.30
CA GLN B 111 11.08 9.90 -17.75
C GLN B 111 9.78 9.36 -17.15
N LYS B 112 9.13 10.17 -16.31
CA LYS B 112 7.85 9.72 -15.77
C LYS B 112 6.89 10.90 -15.80
N PRO B 113 6.02 10.96 -16.80
CA PRO B 113 5.04 12.06 -16.71
C PRO B 113 4.08 11.93 -15.51
N MET B 114 3.55 13.05 -15.04
CA MET B 114 2.68 13.06 -13.86
C MET B 114 1.82 14.31 -13.92
N TRP B 115 0.63 14.17 -13.40
CA TRP B 115 -0.33 15.26 -13.37
C TRP B 115 -1.33 14.99 -12.24
N LEU B 116 -2.07 16.03 -11.80
CA LEU B 116 -2.88 15.89 -10.58
C LEU B 116 -3.96 14.82 -10.75
N ASN B 117 -4.64 14.78 -11.89
CA ASN B 117 -5.75 13.82 -12.04
C ASN B 117 -5.22 12.38 -11.96
N LYS B 118 -3.96 12.17 -12.39
CA LYS B 118 -3.35 10.83 -12.26
C LYS B 118 -3.06 10.49 -10.78
N VAL B 119 -2.58 11.47 -10.02
CA VAL B 119 -2.40 11.28 -8.57
C VAL B 119 -3.73 11.00 -7.90
N LYS B 120 -4.78 11.71 -8.31
CA LYS B 120 -6.13 11.51 -7.75
C LYS B 120 -6.57 10.07 -8.01
N THR B 121 -6.39 9.58 -9.23
CA THR B 121 -6.78 8.19 -9.53
C THR B 121 -5.93 7.20 -8.72
N SER B 122 -4.61 7.44 -8.64
CA SER B 122 -3.73 6.56 -7.89
C SER B 122 -4.14 6.50 -6.39
N LEU B 123 -4.51 7.64 -5.80
CA LEU B 123 -4.98 7.62 -4.41
C LEU B 123 -6.28 6.81 -4.30
N ASN B 124 -7.24 7.06 -5.22
CA ASN B 124 -8.54 6.35 -5.20
C ASN B 124 -8.32 4.83 -5.31
N GLU B 125 -7.32 4.45 -6.10
CA GLU B 125 -7.05 3.03 -6.36
C GLU B 125 -6.10 2.41 -5.35
N GLN B 126 -5.77 3.16 -4.30
CA GLN B 126 -4.86 2.70 -3.26
C GLN B 126 -3.54 2.21 -3.81
N MET B 127 -2.92 3.01 -4.68
CA MET B 127 -1.66 2.63 -5.30
CA MET B 127 -1.66 2.63 -5.30
C MET B 127 -0.45 3.02 -4.46
N TYR B 128 -0.67 3.84 -3.43
CA TYR B 128 0.43 4.26 -2.54
C TYR B 128 0.38 3.49 -1.25
N THR B 129 1.49 2.84 -0.90
CA THR B 129 1.56 2.12 0.38
C THR B 129 2.10 2.98 1.51
N ARG B 130 2.84 4.04 1.18
CA ARG B 130 3.38 4.97 2.17
CA ARG B 130 3.34 4.97 2.20
C ARG B 130 3.15 6.41 1.71
N VAL B 131 3.15 7.33 2.66
CA VAL B 131 2.99 8.75 2.34
C VAL B 131 4.04 9.15 1.27
N GLU B 132 5.26 8.60 1.41
CA GLU B 132 6.33 8.84 0.44
C GLU B 132 5.90 8.72 -1.03
N GLY B 133 5.12 7.71 -1.38
CA GLY B 133 4.77 7.51 -2.79
C GLY B 133 3.93 8.65 -3.33
N PHE B 134 3.01 9.13 -2.51
CA PHE B 134 2.12 10.24 -2.87
C PHE B 134 2.97 11.52 -3.00
N VAL B 135 3.80 11.81 -1.99
CA VAL B 135 4.58 13.03 -2.01
C VAL B 135 5.54 13.03 -3.18
N GLN B 136 6.17 11.88 -3.46
CA GLN B 136 7.05 11.81 -4.63
C GLN B 136 6.35 12.13 -5.95
N ASP B 137 5.16 11.59 -6.17
CA ASP B 137 4.46 11.92 -7.41
C ASP B 137 4.04 13.39 -7.45
N MET B 138 3.62 13.97 -6.32
CA MET B 138 3.25 15.41 -6.32
C MET B 138 4.48 16.28 -6.68
N ARG B 139 5.64 15.97 -6.07
CA ARG B 139 6.80 16.77 -6.35
C ARG B 139 7.29 16.59 -7.80
N LEU B 140 7.12 15.40 -8.31
CA LEU B 140 7.46 15.10 -9.70
C LEU B 140 6.71 16.00 -10.70
N ILE B 141 5.45 16.34 -10.41
CA ILE B 141 4.70 17.21 -11.33
C ILE B 141 5.46 18.52 -11.55
N PHE B 142 5.90 19.09 -10.45
CA PHE B 142 6.50 20.43 -10.52
C PHE B 142 7.95 20.34 -11.05
N HIS B 143 8.64 19.24 -10.76
CA HIS B 143 9.98 19.02 -11.32
C HIS B 143 9.92 18.94 -12.83
N ASN B 144 8.97 18.16 -13.35
CA ASN B 144 8.87 18.05 -14.81
C ASN B 144 8.53 19.40 -15.46
N HIS B 145 7.63 20.18 -14.83
CA HIS B 145 7.27 21.48 -15.34
C HIS B 145 8.55 22.35 -15.49
N LYS B 146 9.37 22.40 -14.44
CA LYS B 146 10.57 23.23 -14.47
C LYS B 146 11.55 22.72 -15.52
N GLU B 147 11.66 21.41 -15.67
CA GLU B 147 12.60 20.86 -16.64
C GLU B 147 12.16 21.08 -18.08
N PHE B 148 10.86 21.26 -18.28
CA PHE B 148 10.39 21.50 -19.64
C PHE B 148 10.44 22.97 -20.03
N TYR B 149 9.96 23.84 -19.16
CA TYR B 149 9.85 25.25 -19.49
C TYR B 149 11.16 26.01 -19.27
N ARG B 150 12.03 25.48 -18.40
CA ARG B 150 13.39 26.00 -18.24
C ARG B 150 13.42 27.51 -18.06
N GLU B 151 14.03 28.23 -19.00
CA GLU B 151 14.23 29.67 -18.83
C GLU B 151 12.95 30.49 -18.99
N ASP B 152 11.90 29.88 -19.51
CA ASP B 152 10.69 30.63 -19.74
C ASP B 152 10.07 31.03 -18.40
N LYS B 153 9.53 32.24 -18.34
CA LYS B 153 8.88 32.74 -17.12
C LYS B 153 7.71 31.87 -16.67
N PHE B 154 7.13 31.07 -17.56
CA PHE B 154 6.03 30.16 -17.15
C PHE B 154 6.50 29.13 -16.11
N THR B 155 7.80 28.92 -15.98
CA THR B 155 8.35 28.06 -14.92
CA THR B 155 8.31 28.05 -14.92
C THR B 155 7.83 28.48 -13.55
N ARG B 156 7.56 29.79 -13.39
CA ARG B 156 7.15 30.34 -12.09
C ARG B 156 5.83 29.70 -11.61
N LEU B 157 4.97 29.29 -12.54
CA LEU B 157 3.71 28.64 -12.12
C LEU B 157 3.97 27.37 -11.30
N GLY B 158 5.01 26.63 -11.67
CA GLY B 158 5.36 25.42 -10.96
C GLY B 158 5.87 25.71 -9.57
N ILE B 159 6.69 26.74 -9.44
CA ILE B 159 7.17 27.18 -8.17
C ILE B 159 6.00 27.62 -7.28
N GLN B 160 5.06 28.40 -7.84
CA GLN B 160 3.93 28.86 -7.05
C GLN B 160 3.03 27.70 -6.55
N VAL B 161 2.70 26.76 -7.43
CA VAL B 161 1.79 25.69 -7.00
C VAL B 161 2.54 24.73 -6.06
N GLN B 162 3.84 24.49 -6.31
CA GLN B 162 4.59 23.65 -5.38
C GLN B 162 4.65 24.28 -3.99
N ASP B 163 4.77 25.60 -3.91
CA ASP B 163 4.76 26.24 -2.61
CA ASP B 163 4.76 26.28 -2.62
C ASP B 163 3.45 26.02 -1.86
N ILE B 164 2.33 26.03 -2.58
CA ILE B 164 1.04 25.72 -1.97
C ILE B 164 1.06 24.28 -1.43
N PHE B 165 1.52 23.35 -2.27
CA PHE B 165 1.62 21.95 -1.84
C PHE B 165 2.49 21.81 -0.57
N GLU B 166 3.70 22.41 -0.58
CA GLU B 166 4.64 22.24 0.53
C GLU B 166 4.14 22.84 1.84
N LYS B 167 3.55 24.04 1.77
CA LYS B 167 2.99 24.68 2.95
C LYS B 167 1.85 23.83 3.55
N ASN B 168 0.98 23.30 2.68
CA ASN B 168 -0.10 22.46 3.20
C ASN B 168 0.40 21.12 3.72
N PHE B 169 1.46 20.58 3.10
CA PHE B 169 2.03 19.31 3.57
C PHE B 169 2.56 19.48 5.00
N ARG B 170 3.30 20.55 5.23
CA ARG B 170 3.86 20.79 6.58
C ARG B 170 2.72 21.06 7.59
N ASN B 171 1.68 21.76 7.15
CA ASN B 171 0.58 22.03 8.06
C ASN B 171 -0.23 20.77 8.42
N ILE B 172 -0.61 20.00 7.41
CA ILE B 172 -1.51 18.86 7.62
C ILE B 172 -0.83 17.74 8.42
N PHE B 173 0.47 17.59 8.19
CA PHE B 173 1.27 16.55 8.87
C PHE B 173 2.06 17.06 10.06
N ALA B 174 1.87 18.34 10.39
CA ALA B 174 2.48 18.99 11.53
C ALA B 174 4.00 18.81 11.53
N ILE B 175 4.61 19.16 10.42
CA ILE B 175 6.06 19.05 10.23
C ILE B 175 6.75 20.34 10.69
N GLN B 176 7.90 20.18 11.37
CA GLN B 176 8.75 21.30 11.78
C GLN B 176 9.12 22.29 10.65
N GLU B 177 9.31 23.56 10.99
CA GLU B 177 9.65 24.59 10.00
#